data_5VX6
#
_entry.id   5VX6
#
_cell.length_a   75.410
_cell.length_b   75.410
_cell.length_c   402.470
_cell.angle_alpha   90.00
_cell.angle_beta   90.00
_cell.angle_gamma   120.00
#
_symmetry.space_group_name_H-M   'P 65 2 2'
#
loop_
_entity.id
_entity.type
_entity.pdbx_description
1 polymer 'Uncharacterized protein YpfA'
2 non-polymer "9,9'-[(2R,3R,3aS,5S,7aR,9R,10R,10aS,12S,14aR)-3,5,10,12-tetrahydroxy-5,12-dioxidooctahydro-2H,7H-difuro[3,2-d:3',2'-j][1,3,7,9,2,8]tetraoxadiphosphacyclododecine-2,9-diyl]bis(2-amino-1,9-dihydro-6H-purin-6-one)"
#
_entity_poly.entity_id   1
_entity_poly.type   'polypeptide(L)'
_entity_poly.pdbx_seq_one_letter_code
;GAMGIEIGENVLLEYIEENELKKAKSKAVSIENNELLIAYPVDVVTGRTVILHNDMEVTVEFVGKDEVPYRFISRIKGKV
KDKLQMICLEMPPREKMKRIQRRQYVRTDAVLDVQIQPGNEEEIRTLSYNISAGGIAVVLADGLSFQSGESLRLIIRLPE
EEHTRQIETEAVVRRIFNDPKSEKRKMTLEYSEIAAGDQQALLQYCIRRQLNKRRK
;
_entity_poly.pdbx_strand_id   A,B
#
loop_
_chem_comp.id
_chem_comp.type
_chem_comp.name
_chem_comp.formula
C2E non-polymer 9,9'-[(2R,3R,3aS,5S,7aR,9R,10R,10aS,12S,14aR)-3,5,10,12-tetrahydroxy-5,12-dioxidooctahydro-2H,7H-difuro[3,2-d:3',2'-j][1,3,7,9,2,8]tetraoxadiphosphacyclododecine-2,9-diyl]bis(2-amino-1,9-dihydro-6H-purin-6-one) 'C20 H24 N10 O14 P2'
#
# COMPACT_ATOMS: atom_id res chain seq x y z
N ILE A 5 -4.87 -17.81 -13.12
CA ILE A 5 -5.09 -16.38 -13.18
C ILE A 5 -6.05 -15.93 -12.08
N GLU A 6 -6.04 -14.64 -11.78
CA GLU A 6 -6.95 -14.03 -10.82
C GLU A 6 -6.80 -12.51 -10.92
N ILE A 7 -7.71 -11.79 -10.26
CA ILE A 7 -7.74 -10.34 -10.29
C ILE A 7 -7.80 -9.83 -8.86
N GLY A 8 -7.05 -8.75 -8.58
CA GLY A 8 -6.92 -8.23 -7.24
C GLY A 8 -5.96 -9.00 -6.36
N GLU A 9 -5.50 -10.17 -6.80
CA GLU A 9 -4.57 -10.96 -6.02
C GLU A 9 -3.18 -10.34 -6.06
N ASN A 10 -2.31 -10.81 -5.16
CA ASN A 10 -0.96 -10.31 -5.08
C ASN A 10 -0.10 -10.91 -6.19
N VAL A 11 0.68 -10.05 -6.85
CA VAL A 11 1.65 -10.47 -7.86
C VAL A 11 3.03 -10.12 -7.32
N LEU A 12 3.83 -11.15 -7.05
CA LEU A 12 5.13 -10.98 -6.42
C LEU A 12 6.21 -10.99 -7.49
N LEU A 13 7.01 -9.93 -7.55
CA LEU A 13 8.05 -9.76 -8.55
C LEU A 13 9.42 -10.00 -7.94
N GLU A 14 10.37 -10.39 -8.80
CA GLU A 14 11.72 -10.72 -8.35
C GLU A 14 12.67 -10.30 -9.48
N TYR A 15 13.31 -9.15 -9.31
CA TYR A 15 14.19 -8.57 -10.34
C TYR A 15 15.58 -8.35 -9.75
N ILE A 16 16.49 -7.89 -10.60
CA ILE A 16 17.85 -7.57 -10.21
C ILE A 16 18.10 -6.09 -10.51
N GLU A 17 18.37 -5.33 -9.45
CA GLU A 17 18.68 -3.91 -9.56
C GLU A 17 19.99 -3.65 -8.83
N GLU A 18 20.96 -3.09 -9.55
CA GLU A 18 22.29 -2.80 -9.00
C GLU A 18 22.93 -4.06 -8.43
N ASN A 19 22.89 -5.14 -9.20
CA ASN A 19 23.62 -6.38 -9.00
C ASN A 19 23.09 -7.22 -7.84
N GLU A 20 22.08 -6.77 -7.10
CA GLU A 20 21.50 -7.56 -6.03
C GLU A 20 20.02 -7.83 -6.30
N LEU A 21 19.55 -8.98 -5.82
CA LEU A 21 18.22 -9.46 -6.15
C LEU A 21 17.19 -8.83 -5.22
N LYS A 22 16.41 -7.89 -5.75
CA LYS A 22 15.33 -7.26 -5.01
C LYS A 22 14.00 -7.90 -5.38
N LYS A 23 13.09 -7.94 -4.41
CA LYS A 23 11.75 -8.46 -4.62
C LYS A 23 10.73 -7.37 -4.29
N ALA A 24 9.57 -7.47 -4.92
CA ALA A 24 8.51 -6.48 -4.74
C ALA A 24 7.16 -7.15 -4.84
N LYS A 25 6.16 -6.53 -4.23
CA LYS A 25 4.79 -7.01 -4.24
C LYS A 25 3.90 -5.99 -4.94
N SER A 26 3.14 -6.46 -5.93
CA SER A 26 2.22 -5.60 -6.66
C SER A 26 0.78 -6.13 -6.53
N LYS A 27 -0.09 -5.70 -7.44
CA LYS A 27 -1.49 -6.10 -7.41
C LYS A 27 -1.99 -6.29 -8.83
N ALA A 28 -2.66 -7.41 -9.08
CA ALA A 28 -3.17 -7.70 -10.42
C ALA A 28 -4.35 -6.78 -10.73
N VAL A 29 -4.26 -6.08 -11.86
CA VAL A 29 -5.33 -5.20 -12.33
C VAL A 29 -6.16 -5.87 -13.43
N SER A 30 -5.50 -6.33 -14.49
CA SER A 30 -6.19 -7.03 -15.57
C SER A 30 -5.16 -7.80 -16.37
N ILE A 31 -5.65 -8.81 -17.10
CA ILE A 31 -4.84 -9.61 -18.01
C ILE A 31 -5.51 -9.62 -19.39
N GLU A 32 -5.48 -8.46 -20.06
CA GLU A 32 -6.08 -8.32 -21.37
C GLU A 32 -5.12 -8.83 -22.44
N ASN A 33 -5.62 -9.73 -23.29
CA ASN A 33 -4.84 -10.35 -24.38
C ASN A 33 -3.64 -11.04 -23.74
N ASN A 34 -2.41 -10.77 -24.19
CA ASN A 34 -1.22 -11.42 -23.64
C ASN A 34 -0.44 -10.49 -22.72
N GLU A 35 -1.09 -9.47 -22.17
CA GLU A 35 -0.44 -8.47 -21.33
C GLU A 35 -1.06 -8.48 -19.94
N LEU A 36 -0.21 -8.50 -18.92
CA LEU A 36 -0.64 -8.41 -17.53
C LEU A 36 -0.34 -7.01 -17.00
N LEU A 37 -1.34 -6.39 -16.37
CA LEU A 37 -1.19 -5.07 -15.77
C LEU A 37 -1.19 -5.21 -14.25
N ILE A 38 -0.13 -4.70 -13.62
CA ILE A 38 0.02 -4.72 -12.18
C ILE A 38 0.15 -3.29 -11.67
N ALA A 39 -0.32 -3.05 -10.45
CA ALA A 39 -0.34 -1.71 -9.88
C ALA A 39 0.34 -1.71 -8.52
N TYR A 40 0.73 -0.51 -8.09
CA TYR A 40 1.38 -0.29 -6.82
C TYR A 40 2.52 -1.27 -6.54
N PRO A 41 3.60 -1.23 -7.33
CA PRO A 41 4.77 -2.04 -7.00
C PRO A 41 5.45 -1.50 -5.74
N VAL A 42 5.18 -2.13 -4.61
CA VAL A 42 5.81 -1.79 -3.35
C VAL A 42 6.83 -2.87 -3.02
N ASP A 43 7.82 -2.49 -2.21
CA ASP A 43 8.87 -3.42 -1.85
C ASP A 43 8.35 -4.44 -0.85
N VAL A 44 8.95 -5.64 -0.88
CA VAL A 44 8.44 -6.75 -0.07
C VAL A 44 8.58 -6.45 1.41
N VAL A 45 9.66 -5.76 1.79
CA VAL A 45 9.88 -5.39 3.18
C VAL A 45 9.61 -3.90 3.41
N THR A 46 9.94 -3.06 2.44
CA THR A 46 9.68 -1.62 2.54
C THR A 46 8.28 -1.33 2.02
N GLY A 47 7.43 -0.78 2.90
CA GLY A 47 6.08 -0.39 2.48
C GLY A 47 6.05 0.69 1.41
N ARG A 48 7.17 1.35 1.14
CA ARG A 48 7.22 2.42 0.16
C ARG A 48 7.33 1.83 -1.25
N THR A 49 6.72 2.54 -2.19
CA THR A 49 6.67 2.09 -3.59
C THR A 49 8.07 2.04 -4.19
N VAL A 50 8.19 1.36 -5.32
CA VAL A 50 9.45 1.22 -6.04
C VAL A 50 9.21 1.43 -7.53
N ILE A 51 10.30 1.41 -8.29
CA ILE A 51 10.28 1.70 -9.72
C ILE A 51 10.89 0.53 -10.47
N LEU A 52 10.14 0.00 -11.45
CA LEU A 52 10.58 -1.13 -12.25
C LEU A 52 11.00 -0.59 -13.62
N HIS A 53 12.32 -0.49 -13.83
CA HIS A 53 12.85 0.04 -15.07
C HIS A 53 12.39 -0.82 -16.26
N ASN A 54 12.01 -0.16 -17.34
CA ASN A 54 11.42 -0.84 -18.48
C ASN A 54 12.41 -1.84 -19.08
N ASP A 55 11.85 -2.82 -19.80
CA ASP A 55 12.62 -3.87 -20.50
C ASP A 55 13.51 -4.65 -19.54
N MET A 56 13.10 -4.75 -18.28
CA MET A 56 13.83 -5.51 -17.27
C MET A 56 13.18 -6.88 -17.12
N GLU A 57 13.97 -7.94 -17.28
CA GLU A 57 13.46 -9.30 -17.13
C GLU A 57 13.19 -9.57 -15.65
N VAL A 58 11.91 -9.73 -15.31
CA VAL A 58 11.50 -10.01 -13.95
C VAL A 58 10.99 -11.45 -13.87
N THR A 59 10.83 -11.93 -12.64
CA THR A 59 10.31 -13.27 -12.37
C THR A 59 9.03 -13.11 -11.55
N VAL A 60 7.89 -13.44 -12.16
CA VAL A 60 6.57 -13.18 -11.60
C VAL A 60 6.09 -14.42 -10.87
N GLU A 61 5.60 -14.23 -9.65
CA GLU A 61 4.96 -15.28 -8.87
C GLU A 61 3.54 -14.85 -8.52
N PHE A 62 2.63 -15.82 -8.50
CA PHE A 62 1.26 -15.55 -8.10
C PHE A 62 0.59 -16.86 -7.71
N VAL A 63 -0.55 -16.75 -7.05
CA VAL A 63 -1.37 -17.89 -6.68
C VAL A 63 -2.67 -17.81 -7.47
N GLY A 64 -2.94 -18.83 -8.27
CA GLY A 64 -4.10 -18.84 -9.12
C GLY A 64 -5.39 -19.07 -8.34
N LYS A 65 -6.47 -19.25 -9.09
CA LYS A 65 -7.76 -19.51 -8.48
C LYS A 65 -7.83 -20.89 -7.84
N ASP A 66 -6.89 -21.78 -8.15
CA ASP A 66 -6.88 -23.14 -7.63
C ASP A 66 -6.02 -23.29 -6.38
N GLU A 67 -5.67 -22.18 -5.74
CA GLU A 67 -4.80 -22.19 -4.56
C GLU A 67 -3.49 -22.91 -4.85
N VAL A 68 -2.96 -22.68 -6.05
CA VAL A 68 -1.73 -23.31 -6.52
C VAL A 68 -0.78 -22.19 -6.95
N PRO A 69 0.47 -22.19 -6.47
CA PRO A 69 1.39 -21.11 -6.85
C PRO A 69 2.03 -21.35 -8.21
N TYR A 70 2.22 -20.26 -8.95
CA TYR A 70 2.78 -20.31 -10.29
C TYR A 70 3.91 -19.30 -10.43
N ARG A 71 4.90 -19.64 -11.25
CA ARG A 71 6.07 -18.81 -11.45
C ARG A 71 6.45 -18.82 -12.92
N PHE A 72 6.74 -17.64 -13.46
CA PHE A 72 7.19 -17.52 -14.84
C PHE A 72 8.10 -16.30 -14.97
N ILE A 73 9.06 -16.39 -15.89
CA ILE A 73 9.89 -15.24 -16.22
C ILE A 73 9.15 -14.36 -17.22
N SER A 74 9.42 -13.05 -17.15
CA SER A 74 8.73 -12.10 -18.01
C SER A 74 9.59 -10.88 -18.27
N ARG A 75 8.95 -9.75 -18.58
CA ARG A 75 9.67 -8.53 -18.89
C ARG A 75 8.74 -7.34 -18.69
N ILE A 76 9.33 -6.21 -18.29
CA ILE A 76 8.56 -4.98 -18.08
C ILE A 76 8.27 -4.39 -19.46
N LYS A 77 7.04 -4.56 -19.93
CA LYS A 77 6.68 -4.06 -21.26
C LYS A 77 6.63 -2.54 -21.28
N GLY A 78 6.20 -1.92 -20.19
CA GLY A 78 6.14 -0.47 -20.12
C GLY A 78 5.03 -0.03 -19.18
N LYS A 79 4.93 1.28 -19.01
CA LYS A 79 3.93 1.88 -18.14
C LYS A 79 2.64 2.12 -18.91
N VAL A 80 1.54 2.17 -18.16
CA VAL A 80 0.20 2.40 -18.70
C VAL A 80 -0.49 3.42 -17.82
N LYS A 81 -1.06 4.46 -18.45
CA LYS A 81 -1.67 5.59 -17.74
C LYS A 81 -3.14 5.65 -18.07
N ASP A 82 -3.99 5.44 -17.05
CA ASP A 82 -5.44 5.56 -17.22
C ASP A 82 -6.03 6.31 -16.03
N LYS A 83 -5.47 6.09 -14.84
CA LYS A 83 -5.87 6.78 -13.63
C LYS A 83 -4.77 6.58 -12.60
N LEU A 84 -3.79 5.74 -12.95
CA LEU A 84 -2.64 5.44 -12.10
C LEU A 84 -1.58 4.80 -12.97
N GLN A 85 -0.36 4.75 -12.43
CA GLN A 85 0.77 4.17 -13.15
C GLN A 85 0.81 2.67 -12.88
N MET A 86 0.46 1.88 -13.88
CA MET A 86 0.50 0.43 -13.81
C MET A 86 1.50 -0.10 -14.81
N ILE A 87 2.13 -1.22 -14.47
CA ILE A 87 3.24 -1.78 -15.24
C ILE A 87 2.72 -2.93 -16.10
N CYS A 88 3.09 -2.92 -17.37
CA CYS A 88 2.67 -3.95 -18.32
C CYS A 88 3.69 -5.09 -18.30
N LEU A 89 3.20 -6.30 -18.05
CA LEU A 89 4.02 -7.50 -18.02
C LEU A 89 3.62 -8.43 -19.17
N GLU A 90 4.61 -8.81 -19.98
CA GLU A 90 4.37 -9.75 -21.06
C GLU A 90 4.05 -11.12 -20.49
N MET A 91 2.88 -11.65 -20.82
CA MET A 91 2.51 -12.95 -20.28
C MET A 91 3.11 -14.06 -21.12
N PRO A 92 3.52 -15.16 -20.49
CA PRO A 92 4.07 -16.29 -21.24
C PRO A 92 2.94 -17.09 -21.88
N PRO A 93 3.21 -18.29 -22.43
CA PRO A 93 2.10 -19.15 -22.84
C PRO A 93 1.26 -19.62 -21.66
N ARG A 94 0.61 -20.78 -21.81
CA ARG A 94 0.08 -21.48 -20.65
C ARG A 94 0.97 -22.63 -20.24
N GLU A 95 1.67 -23.21 -21.19
CA GLU A 95 2.94 -23.88 -20.93
C GLU A 95 3.97 -22.81 -20.57
N LYS A 96 5.12 -23.25 -20.08
CA LYS A 96 6.20 -22.39 -19.61
C LYS A 96 5.80 -21.56 -18.39
N MET A 97 4.64 -21.84 -17.81
CA MET A 97 4.20 -21.28 -16.55
C MET A 97 4.24 -22.40 -15.52
N LYS A 98 5.40 -22.60 -14.91
CA LYS A 98 5.60 -23.75 -14.03
C LYS A 98 4.84 -23.57 -12.73
N ARG A 99 4.15 -24.63 -12.31
CA ARG A 99 3.53 -24.66 -10.98
C ARG A 99 4.57 -25.11 -9.98
N ILE A 100 4.72 -24.34 -8.89
CA ILE A 100 5.76 -24.62 -7.92
C ILE A 100 5.16 -25.19 -6.66
N GLN A 101 6.02 -25.56 -5.70
CA GLN A 101 5.58 -26.08 -4.42
C GLN A 101 6.71 -25.81 -3.43
N ARG A 102 6.45 -24.95 -2.45
CA ARG A 102 7.51 -24.46 -1.57
C ARG A 102 7.50 -25.13 -0.19
N ARG A 103 6.45 -25.89 0.13
CA ARG A 103 6.33 -26.49 1.46
C ARG A 103 7.00 -27.85 1.47
N GLN A 104 7.96 -28.01 2.40
CA GLN A 104 8.63 -29.30 2.54
C GLN A 104 7.72 -30.35 3.14
N TYR A 105 6.78 -29.94 3.98
CA TYR A 105 5.91 -30.87 4.68
C TYR A 105 4.45 -30.50 4.46
N VAL A 106 3.61 -31.53 4.38
CA VAL A 106 2.19 -31.33 4.10
C VAL A 106 1.50 -30.76 5.31
N ARG A 107 0.72 -29.70 5.12
CA ARG A 107 0.03 -29.02 6.18
C ARG A 107 -1.43 -29.44 6.23
N THR A 108 -2.02 -29.42 7.42
CA THR A 108 -3.43 -29.71 7.59
C THR A 108 -3.99 -28.82 8.69
N ASP A 109 -5.22 -28.35 8.48
CA ASP A 109 -5.88 -27.48 9.44
C ASP A 109 -6.44 -28.33 10.57
N ALA A 110 -5.78 -28.28 11.73
CA ALA A 110 -6.18 -29.11 12.86
C ALA A 110 -6.08 -28.30 14.14
N VAL A 111 -7.15 -28.31 14.93
CA VAL A 111 -7.17 -27.65 16.24
C VAL A 111 -6.62 -28.64 17.25
N LEU A 112 -5.35 -28.47 17.61
CA LEU A 112 -4.65 -29.34 18.54
C LEU A 112 -4.23 -28.54 19.76
N ASP A 113 -4.04 -29.26 20.87
CA ASP A 113 -3.59 -28.64 22.11
C ASP A 113 -2.09 -28.33 22.01
N VAL A 114 -1.73 -27.07 22.18
CA VAL A 114 -0.35 -26.61 22.15
C VAL A 114 -0.05 -25.91 23.46
N GLN A 115 1.12 -26.19 24.03
CA GLN A 115 1.56 -25.60 25.29
C GLN A 115 2.89 -24.90 25.07
N ILE A 116 2.85 -23.57 24.98
CA ILE A 116 4.06 -22.76 24.79
C ILE A 116 4.64 -22.41 26.14
N GLN A 117 5.95 -22.50 26.27
CA GLN A 117 6.64 -22.12 27.50
C GLN A 117 8.06 -21.69 27.19
N PRO A 118 8.41 -20.41 27.41
CA PRO A 118 9.78 -19.91 27.23
C PRO A 118 10.70 -20.33 28.38
N GLU A 121 7.63 -16.63 30.77
CA GLU A 121 7.52 -16.72 32.22
C GLU A 121 6.78 -17.99 32.63
N GLU A 122 5.45 -17.91 32.62
CA GLU A 122 4.61 -19.03 33.03
C GLU A 122 4.53 -20.07 31.92
N GLU A 123 3.31 -20.54 31.63
CA GLU A 123 3.09 -21.55 30.60
C GLU A 123 1.75 -21.29 29.95
N ILE A 124 1.72 -21.20 28.63
CA ILE A 124 0.53 -20.85 27.88
C ILE A 124 -0.01 -22.10 27.19
N ARG A 125 -1.20 -22.52 27.58
CA ARG A 125 -1.92 -23.61 26.93
C ARG A 125 -2.90 -23.01 25.94
N THR A 126 -2.72 -23.33 24.65
CA THR A 126 -3.50 -22.71 23.58
C THR A 126 -3.85 -23.77 22.55
N LEU A 127 -4.33 -23.33 21.39
CA LEU A 127 -4.74 -24.22 20.31
C LEU A 127 -4.09 -23.78 19.00
N SER A 128 -3.80 -24.76 18.16
CA SER A 128 -3.32 -24.48 16.82
C SER A 128 -4.50 -24.36 15.86
N TYR A 129 -4.24 -23.74 14.70
CA TYR A 129 -5.25 -23.67 13.65
C TYR A 129 -4.80 -24.33 12.35
N ASN A 130 -3.50 -24.55 12.17
CA ASN A 130 -2.99 -25.47 11.16
C ASN A 130 -1.67 -26.02 11.65
N ILE A 131 -1.30 -27.20 11.14
CA ILE A 131 -0.09 -27.88 11.60
C ILE A 131 0.60 -28.57 10.43
N SER A 132 1.90 -28.80 10.61
CA SER A 132 2.72 -29.48 9.63
C SER A 132 3.77 -30.29 10.38
N ALA A 133 4.47 -31.15 9.65
CA ALA A 133 5.56 -31.89 10.26
C ALA A 133 6.83 -31.07 10.41
N GLY A 134 6.84 -29.83 9.91
CA GLY A 134 8.00 -28.97 10.03
C GLY A 134 7.70 -27.67 10.73
N GLY A 135 6.42 -27.29 10.78
CA GLY A 135 6.02 -26.05 11.40
C GLY A 135 4.63 -26.15 12.00
N ILE A 136 4.23 -25.07 12.67
CA ILE A 136 2.91 -25.00 13.30
C ILE A 136 2.46 -23.55 13.33
N ALA A 137 1.14 -23.36 13.27
CA ALA A 137 0.52 -22.05 13.40
C ALA A 137 -0.47 -22.10 14.55
N VAL A 138 -0.42 -21.10 15.43
CA VAL A 138 -1.13 -21.14 16.70
C VAL A 138 -1.80 -19.80 16.95
N VAL A 139 -2.98 -19.85 17.56
CA VAL A 139 -3.73 -18.65 17.91
C VAL A 139 -3.25 -18.14 19.26
N LEU A 140 -2.90 -16.85 19.30
CA LEU A 140 -2.48 -16.21 20.54
C LEU A 140 -3.65 -15.48 21.19
N ALA A 141 -3.55 -15.31 22.50
CA ALA A 141 -4.46 -14.43 23.23
C ALA A 141 -3.83 -13.05 23.35
N ASP A 142 -4.69 -12.06 23.64
CA ASP A 142 -4.21 -10.70 23.79
C ASP A 142 -3.28 -10.59 25.00
N GLY A 143 -2.25 -9.76 24.86
CA GLY A 143 -1.28 -9.53 25.91
C GLY A 143 0.00 -10.32 25.75
N LEU A 144 -0.07 -11.50 25.11
CA LEU A 144 1.12 -12.31 24.89
C LEU A 144 2.10 -11.59 24.00
N SER A 145 3.28 -11.29 24.52
CA SER A 145 4.32 -10.56 23.80
C SER A 145 5.43 -11.54 23.42
N PHE A 146 5.54 -11.83 22.12
CA PHE A 146 6.67 -12.59 21.62
C PHE A 146 7.38 -11.79 20.53
N GLN A 147 8.20 -12.48 19.74
CA GLN A 147 9.07 -11.80 18.78
C GLN A 147 9.47 -12.75 17.67
N SER A 148 9.50 -12.24 16.45
CA SER A 148 9.95 -13.04 15.30
C SER A 148 11.43 -13.38 15.46
N GLY A 149 11.73 -14.66 15.63
CA GLY A 149 13.07 -15.14 15.85
C GLY A 149 13.31 -15.70 17.24
N GLU A 150 12.40 -15.44 18.17
CA GLU A 150 12.52 -16.01 19.52
C GLU A 150 12.33 -17.52 19.45
N SER A 151 13.20 -18.25 20.14
CA SER A 151 13.09 -19.70 20.24
C SER A 151 12.19 -20.05 21.42
N LEU A 152 11.15 -20.83 21.14
CA LEU A 152 10.19 -21.24 22.16
C LEU A 152 10.08 -22.76 22.19
N ARG A 153 9.80 -23.29 23.38
CA ARG A 153 9.55 -24.71 23.58
C ARG A 153 8.04 -24.91 23.68
N LEU A 154 7.47 -25.65 22.73
CA LEU A 154 6.04 -25.95 22.74
C LEU A 154 5.82 -27.46 22.72
N ILE A 155 4.71 -27.87 23.32
CA ILE A 155 4.33 -29.27 23.45
C ILE A 155 3.01 -29.48 22.74
N ILE A 156 3.00 -30.41 21.79
CA ILE A 156 1.84 -30.64 20.92
C ILE A 156 1.19 -31.96 21.31
N ARG A 157 -0.11 -31.93 21.56
CA ARG A 157 -0.88 -33.14 21.85
C ARG A 157 -1.42 -33.68 20.53
N LEU A 158 -0.71 -34.65 19.96
CA LEU A 158 -1.13 -35.25 18.70
C LEU A 158 -2.00 -36.46 18.98
N PRO A 159 -3.27 -36.41 18.66
CA PRO A 159 -4.15 -37.56 18.93
C PRO A 159 -4.18 -38.60 17.80
N GLU A 160 -3.11 -39.39 17.71
CA GLU A 160 -3.09 -40.52 16.79
C GLU A 160 -4.01 -41.61 17.32
N GLU A 161 -5.30 -41.51 16.99
CA GLU A 161 -6.40 -42.36 17.47
C GLU A 161 -6.35 -42.45 19.00
N GLU A 162 -6.77 -43.59 19.55
CA GLU A 162 -6.92 -43.73 21.01
C GLU A 162 -5.65 -43.35 21.76
N HIS A 163 -4.50 -43.81 21.28
CA HIS A 163 -3.23 -43.40 21.87
C HIS A 163 -2.98 -41.93 21.59
N THR A 164 -2.99 -41.10 22.64
CA THR A 164 -2.72 -39.68 22.49
C THR A 164 -1.23 -39.45 22.62
N ARG A 165 -0.58 -39.14 21.49
CA ARG A 165 0.85 -38.89 21.48
C ARG A 165 1.14 -37.45 21.89
N GLN A 166 2.12 -37.28 22.77
CA GLN A 166 2.57 -35.96 23.22
C GLN A 166 3.91 -35.67 22.56
N ILE A 167 3.93 -34.67 21.68
CA ILE A 167 5.12 -34.31 20.92
C ILE A 167 5.69 -33.02 21.51
N GLU A 168 6.90 -33.11 22.06
CA GLU A 168 7.59 -31.96 22.62
C GLU A 168 8.71 -31.54 21.68
N THR A 169 8.66 -30.29 21.22
CA THR A 169 9.65 -29.73 20.31
C THR A 169 10.06 -28.35 20.79
N GLU A 170 11.14 -27.85 20.21
CA GLU A 170 11.49 -26.43 20.28
C GLU A 170 11.33 -25.83 18.89
N ALA A 171 10.81 -24.61 18.83
CA ALA A 171 10.52 -23.96 17.56
C ALA A 171 10.80 -22.48 17.67
N VAL A 172 11.17 -21.88 16.53
CA VAL A 172 11.45 -20.45 16.46
C VAL A 172 10.26 -19.75 15.83
N VAL A 173 9.91 -18.57 16.38
CA VAL A 173 8.76 -17.82 15.90
C VAL A 173 9.04 -17.32 14.50
N ARG A 174 8.17 -17.67 13.56
CA ARG A 174 8.29 -17.17 12.19
C ARG A 174 7.68 -15.79 12.05
N ARG A 175 6.39 -15.66 12.35
CA ARG A 175 5.71 -14.40 12.15
C ARG A 175 4.49 -14.34 13.06
N ILE A 176 4.15 -13.12 13.47
CA ILE A 176 2.96 -12.83 14.26
C ILE A 176 2.13 -11.80 13.52
N PHE A 177 0.84 -12.04 13.41
CA PHE A 177 -0.04 -11.13 12.68
C PHE A 177 -1.41 -11.15 13.32
N ASN A 178 -2.27 -10.26 12.86
CA ASN A 178 -3.63 -10.13 13.35
C ASN A 178 -4.60 -10.63 12.28
N ASP A 179 -5.40 -11.63 12.62
CA ASP A 179 -6.38 -12.17 11.69
C ASP A 179 -7.44 -11.13 11.39
N PRO A 180 -7.61 -10.71 10.14
CA PRO A 180 -8.68 -9.75 9.82
C PRO A 180 -10.08 -10.34 9.91
N LYS A 181 -10.21 -11.64 10.20
CA LYS A 181 -11.52 -12.26 10.36
C LYS A 181 -11.91 -12.45 11.82
N SER A 182 -10.94 -12.40 12.74
CA SER A 182 -11.22 -12.58 14.16
C SER A 182 -10.58 -11.53 15.06
N GLU A 183 -9.73 -10.65 14.52
CA GLU A 183 -9.00 -9.65 15.30
C GLU A 183 -8.20 -10.27 16.44
N LYS A 184 -7.90 -11.56 16.33
CA LYS A 184 -7.10 -12.28 17.32
C LYS A 184 -5.72 -12.56 16.74
N ARG A 185 -4.71 -12.50 17.60
CA ARG A 185 -3.34 -12.74 17.16
C ARG A 185 -3.15 -14.18 16.70
N LYS A 186 -2.43 -14.36 15.62
CA LYS A 186 -1.98 -15.65 15.14
C LYS A 186 -0.46 -15.65 15.07
N MET A 187 0.13 -16.84 15.24
CA MET A 187 1.58 -16.95 15.26
C MET A 187 2.01 -18.28 14.68
N THR A 188 3.10 -18.25 13.92
CA THR A 188 3.64 -19.42 13.23
C THR A 188 5.05 -19.69 13.71
N LEU A 189 5.40 -20.97 13.80
CA LEU A 189 6.69 -21.40 14.31
C LEU A 189 7.22 -22.54 13.46
N GLU A 190 8.55 -22.65 13.41
CA GLU A 190 9.24 -23.70 12.67
C GLU A 190 10.06 -24.54 13.65
N TYR A 191 9.87 -25.86 13.59
CA TYR A 191 10.50 -26.77 14.55
C TYR A 191 12.02 -26.66 14.54
N SER A 192 12.58 -26.09 15.60
CA SER A 192 14.02 -26.02 15.72
C SER A 192 14.62 -27.41 15.94
N GLU A 193 13.99 -28.22 16.78
CA GLU A 193 14.44 -29.58 17.04
C GLU A 193 13.24 -30.45 17.38
N ILE A 194 13.08 -31.55 16.66
CA ILE A 194 11.98 -32.48 16.85
C ILE A 194 12.49 -33.89 16.67
N ALA A 195 12.06 -34.80 17.53
CA ALA A 195 12.51 -36.18 17.49
C ALA A 195 12.08 -36.84 16.19
N ALA A 196 12.96 -37.71 15.65
CA ALA A 196 12.65 -38.40 14.42
C ALA A 196 11.38 -39.24 14.55
N GLY A 197 11.19 -39.88 15.71
CA GLY A 197 10.00 -40.68 15.92
C GLY A 197 8.74 -39.84 15.94
N ASP A 198 8.75 -38.73 16.69
CA ASP A 198 7.58 -37.86 16.75
C ASP A 198 7.31 -37.21 15.40
N GLN A 199 8.37 -36.76 14.70
CA GLN A 199 8.17 -36.06 13.44
C GLN A 199 7.56 -36.97 12.39
N GLN A 200 8.01 -38.22 12.33
CA GLN A 200 7.44 -39.16 11.36
C GLN A 200 5.96 -39.41 11.66
N ALA A 201 5.62 -39.60 12.93
CA ALA A 201 4.22 -39.76 13.31
C ALA A 201 3.41 -38.51 12.94
N LEU A 202 3.96 -37.33 13.26
CA LEU A 202 3.30 -36.09 12.88
C LEU A 202 3.18 -35.97 11.37
N LEU A 203 4.14 -36.55 10.62
CA LEU A 203 4.07 -36.51 9.17
C LEU A 203 2.93 -37.38 8.65
N GLN A 204 2.90 -38.66 9.06
CA GLN A 204 1.83 -39.55 8.63
C GLN A 204 0.46 -39.07 9.10
N TYR A 205 0.42 -38.30 10.19
CA TYR A 205 -0.86 -37.77 10.66
C TYR A 205 -1.42 -36.72 9.71
N CYS A 206 -0.57 -35.82 9.23
CA CYS A 206 -1.05 -34.75 8.36
C CYS A 206 -1.46 -35.27 7.00
N ILE A 207 -0.80 -36.33 6.51
CA ILE A 207 -1.17 -36.90 5.22
C ILE A 207 -2.52 -37.60 5.32
N ARG A 208 -2.66 -38.52 6.29
CA ARG A 208 -3.91 -39.25 6.44
C ARG A 208 -5.07 -38.32 6.71
N ARG A 209 -4.85 -37.29 7.54
CA ARG A 209 -5.91 -36.33 7.84
C ARG A 209 -6.32 -35.56 6.59
N GLN A 210 -5.35 -35.14 5.78
CA GLN A 210 -5.68 -34.48 4.52
C GLN A 210 -6.30 -35.46 3.53
N LEU A 211 -5.88 -36.72 3.57
CA LEU A 211 -6.43 -37.71 2.65
C LEU A 211 -7.87 -38.06 2.99
N ASN A 212 -8.22 -38.06 4.27
CA ASN A 212 -9.53 -38.46 4.78
C ASN A 212 -10.64 -37.46 4.46
N LYS A 213 -10.39 -36.44 3.64
CA LYS A 213 -11.42 -35.48 3.27
C LYS A 213 -11.55 -35.34 1.76
N ARG A 214 -10.85 -36.17 0.98
CA ARG A 214 -11.00 -36.13 -0.46
C ARG A 214 -12.35 -36.70 -0.89
N ARG A 215 -12.86 -37.70 -0.18
CA ARG A 215 -14.18 -38.26 -0.46
C ARG A 215 -14.77 -38.85 0.82
N MET B 3 0.31 15.56 -25.68
CA MET B 3 -0.89 15.96 -24.95
C MET B 3 -0.72 15.70 -23.45
N GLY B 4 -1.29 14.59 -22.97
CA GLY B 4 -1.29 14.30 -21.54
C GLY B 4 -2.08 15.27 -20.69
N ILE B 5 -2.93 16.10 -21.30
CA ILE B 5 -3.73 17.10 -20.60
C ILE B 5 -5.18 16.93 -21.01
N GLU B 6 -6.10 17.10 -20.06
CA GLU B 6 -7.52 17.19 -20.34
C GLU B 6 -7.98 18.63 -20.17
N ILE B 7 -8.96 19.02 -20.98
CA ILE B 7 -9.43 20.40 -20.99
C ILE B 7 -10.26 20.67 -19.73
N GLY B 8 -9.86 21.68 -18.97
CA GLY B 8 -10.60 22.11 -17.80
C GLY B 8 -9.89 21.90 -16.49
N GLU B 9 -8.78 21.17 -16.46
CA GLU B 9 -8.09 20.91 -15.22
C GLU B 9 -7.18 22.08 -14.87
N ASN B 10 -6.74 22.10 -13.61
CA ASN B 10 -5.87 23.16 -13.14
C ASN B 10 -4.49 23.05 -13.79
N VAL B 11 -3.94 24.21 -14.16
CA VAL B 11 -2.57 24.33 -14.66
C VAL B 11 -1.92 25.42 -13.82
N LEU B 12 -1.21 25.02 -12.77
CA LEU B 12 -0.68 25.99 -11.82
C LEU B 12 0.57 26.66 -12.35
N LEU B 13 0.61 27.99 -12.23
CA LEU B 13 1.71 28.80 -12.73
C LEU B 13 2.46 29.44 -11.56
N GLU B 14 3.78 29.41 -11.64
CA GLU B 14 4.65 29.95 -10.61
C GLU B 14 5.62 30.91 -11.26
N TYR B 15 5.64 32.16 -10.78
CA TYR B 15 6.47 33.20 -11.37
C TYR B 15 6.97 34.12 -10.27
N ILE B 16 7.69 35.17 -10.68
CA ILE B 16 8.27 36.15 -9.76
C ILE B 16 7.89 37.53 -10.24
N GLU B 17 7.03 38.22 -9.49
CA GLU B 17 6.68 39.61 -9.73
C GLU B 17 7.20 40.47 -8.60
N GLU B 18 7.72 41.65 -8.95
CA GLU B 18 8.43 42.52 -8.01
C GLU B 18 9.55 41.69 -7.38
N ASN B 19 9.72 41.72 -6.07
CA ASN B 19 10.72 40.89 -5.39
C ASN B 19 10.10 39.67 -4.73
N GLU B 20 8.79 39.46 -4.89
CA GLU B 20 8.10 38.36 -4.26
C GLU B 20 7.82 37.26 -5.28
N LEU B 21 7.67 36.03 -4.78
CA LEU B 21 7.35 34.87 -5.60
C LEU B 21 5.84 34.65 -5.54
N LYS B 22 5.17 34.85 -6.67
CA LYS B 22 3.73 34.63 -6.74
C LYS B 22 3.43 33.23 -7.27
N LYS B 23 2.20 32.80 -7.05
CA LYS B 23 1.71 31.51 -7.53
C LYS B 23 0.26 31.65 -7.93
N ALA B 24 -0.08 31.17 -9.12
CA ALA B 24 -1.42 31.34 -9.68
C ALA B 24 -1.99 29.99 -10.09
N LYS B 25 -3.30 29.98 -10.34
CA LYS B 25 -4.02 28.79 -10.76
C LYS B 25 -4.87 29.14 -11.98
N SER B 26 -4.61 28.48 -13.10
CA SER B 26 -5.36 28.69 -14.33
C SER B 26 -5.97 27.37 -14.80
N LYS B 27 -6.87 27.47 -15.77
CA LYS B 27 -7.59 26.32 -16.30
C LYS B 27 -7.22 26.14 -17.77
N ALA B 28 -6.77 24.95 -18.13
CA ALA B 28 -6.36 24.68 -19.50
C ALA B 28 -7.59 24.62 -20.41
N VAL B 29 -7.45 25.20 -21.60
CA VAL B 29 -8.55 25.29 -22.56
C VAL B 29 -8.29 24.50 -23.82
N SER B 30 -7.05 24.51 -24.32
CA SER B 30 -6.73 23.77 -25.55
C SER B 30 -5.24 23.51 -25.63
N ILE B 31 -4.88 22.57 -26.51
CA ILE B 31 -3.49 22.27 -26.82
C ILE B 31 -3.43 21.69 -28.22
N GLU B 32 -3.12 22.53 -29.20
CA GLU B 32 -3.10 22.11 -30.60
C GLU B 32 -1.78 21.44 -30.95
N ASN B 33 -0.80 22.22 -31.38
CA ASN B 33 0.53 21.69 -31.67
C ASN B 33 1.29 21.46 -30.38
N ASN B 34 2.56 21.84 -30.36
CA ASN B 34 3.38 21.78 -29.14
C ASN B 34 3.19 23.02 -28.27
N GLU B 35 1.95 23.50 -28.12
CA GLU B 35 1.68 24.69 -27.33
C GLU B 35 0.35 24.56 -26.62
N LEU B 36 0.37 24.75 -25.30
CA LEU B 36 -0.81 24.65 -24.46
C LEU B 36 -1.38 26.05 -24.21
N LEU B 37 -2.68 26.20 -24.48
CA LEU B 37 -3.39 27.44 -24.18
C LEU B 37 -4.16 27.28 -22.87
N ILE B 38 -4.07 28.30 -22.02
CA ILE B 38 -4.78 28.32 -20.75
C ILE B 38 -5.57 29.62 -20.67
N ALA B 39 -6.54 29.64 -19.76
CA ALA B 39 -7.41 30.79 -19.61
C ALA B 39 -7.76 30.99 -18.14
N TYR B 40 -8.18 32.20 -17.82
CA TYR B 40 -8.67 32.62 -16.50
C TYR B 40 -7.66 32.33 -15.39
N PRO B 41 -6.50 32.98 -15.40
CA PRO B 41 -5.57 32.81 -14.28
C PRO B 41 -6.05 33.59 -13.06
N VAL B 42 -5.94 32.97 -11.89
CA VAL B 42 -6.28 33.61 -10.62
C VAL B 42 -5.20 33.30 -9.60
N ASP B 43 -5.12 34.16 -8.59
CA ASP B 43 -4.15 33.98 -7.52
C ASP B 43 -4.64 32.90 -6.56
N VAL B 44 -3.75 31.96 -6.23
CA VAL B 44 -4.10 30.82 -5.41
C VAL B 44 -4.50 31.20 -3.99
N VAL B 45 -4.28 32.45 -3.60
CA VAL B 45 -4.63 32.92 -2.27
C VAL B 45 -5.90 33.77 -2.27
N THR B 46 -6.15 34.52 -3.34
CA THR B 46 -7.24 35.49 -3.35
C THR B 46 -8.22 35.32 -4.51
N GLY B 47 -7.91 34.49 -5.51
CA GLY B 47 -8.79 34.24 -6.61
C GLY B 47 -8.97 35.39 -7.58
N ARG B 48 -8.16 36.44 -7.44
CA ARG B 48 -8.25 37.58 -8.34
C ARG B 48 -7.55 37.28 -9.65
N THR B 49 -8.16 37.72 -10.75
CA THR B 49 -7.53 37.57 -12.06
C THR B 49 -6.19 38.29 -12.05
N VAL B 50 -5.15 37.62 -12.56
CA VAL B 50 -3.79 38.15 -12.53
C VAL B 50 -3.34 38.40 -13.96
N ILE B 51 -2.53 39.45 -14.12
CA ILE B 51 -2.03 39.87 -15.42
C ILE B 51 -0.61 39.36 -15.58
N LEU B 52 -0.41 38.48 -16.55
CA LEU B 52 0.90 37.88 -16.82
C LEU B 52 1.46 38.51 -18.09
N HIS B 53 2.55 39.25 -17.94
CA HIS B 53 3.15 39.92 -19.07
C HIS B 53 3.87 38.92 -19.97
N ASN B 54 4.01 39.30 -21.25
CA ASN B 54 4.61 38.41 -22.23
C ASN B 54 6.09 38.21 -21.95
N ASP B 55 6.60 37.05 -22.36
CA ASP B 55 8.01 36.68 -22.21
C ASP B 55 8.43 36.64 -20.74
N MET B 56 7.47 36.39 -19.84
CA MET B 56 7.77 36.18 -18.44
C MET B 56 7.98 34.69 -18.19
N GLU B 57 9.12 34.34 -17.62
CA GLU B 57 9.42 32.93 -17.35
C GLU B 57 8.56 32.43 -16.20
N VAL B 58 7.89 31.29 -16.41
CA VAL B 58 7.03 30.69 -15.41
C VAL B 58 7.35 29.20 -15.29
N THR B 59 7.02 28.64 -14.13
CA THR B 59 7.13 27.21 -13.86
C THR B 59 5.73 26.61 -13.86
N VAL B 60 5.49 25.67 -14.77
CA VAL B 60 4.15 25.15 -15.04
C VAL B 60 4.00 23.80 -14.36
N GLU B 61 2.87 23.61 -13.66
CA GLU B 61 2.56 22.34 -13.04
C GLU B 61 1.10 21.99 -13.30
N PHE B 62 0.86 20.74 -13.71
CA PHE B 62 -0.48 20.22 -13.90
C PHE B 62 -0.47 18.75 -13.53
N VAL B 63 -1.67 18.19 -13.36
CA VAL B 63 -1.81 16.78 -13.00
C VAL B 63 -1.97 15.96 -14.27
N GLY B 64 -1.07 15.00 -14.46
CA GLY B 64 -1.10 14.15 -15.63
C GLY B 64 -2.17 13.08 -15.55
N LYS B 65 -2.04 12.09 -16.45
CA LYS B 65 -3.01 11.00 -16.49
C LYS B 65 -2.87 10.05 -15.30
N ASP B 66 -1.69 10.00 -14.69
CA ASP B 66 -1.46 9.15 -13.53
C ASP B 66 -2.04 9.73 -12.24
N GLU B 67 -2.81 10.82 -12.34
CA GLU B 67 -3.23 11.60 -11.18
C GLU B 67 -2.01 11.98 -10.33
N VAL B 68 -1.07 12.64 -11.00
CA VAL B 68 0.25 12.92 -10.42
C VAL B 68 0.80 14.15 -11.12
N PRO B 69 1.52 15.03 -10.41
CA PRO B 69 1.92 16.31 -11.02
C PRO B 69 3.06 16.15 -12.01
N TYR B 70 2.98 16.92 -13.10
CA TYR B 70 4.06 17.07 -14.05
C TYR B 70 4.48 18.53 -14.07
N ARG B 71 5.79 18.77 -14.13
CA ARG B 71 6.34 20.11 -14.04
C ARG B 71 7.32 20.38 -15.17
N PHE B 72 7.25 21.59 -15.71
CA PHE B 72 8.19 22.05 -16.73
C PHE B 72 8.28 23.57 -16.65
N ILE B 73 9.15 24.12 -17.49
CA ILE B 73 9.40 25.56 -17.54
C ILE B 73 8.90 26.07 -18.89
N SER B 74 8.32 27.26 -18.88
CA SER B 74 7.84 27.89 -20.11
C SER B 74 7.85 29.40 -19.92
N ARG B 75 7.30 30.12 -20.89
CA ARG B 75 7.22 31.58 -20.82
C ARG B 75 5.91 32.04 -21.43
N ILE B 76 5.40 33.15 -20.89
CA ILE B 76 4.09 33.64 -21.28
C ILE B 76 4.12 34.17 -22.71
N LYS B 77 3.09 33.84 -23.48
CA LYS B 77 2.90 34.38 -24.82
C LYS B 77 1.42 34.67 -25.01
N GLY B 78 1.09 35.94 -25.24
CA GLY B 78 -0.30 36.33 -25.36
C GLY B 78 -0.95 35.79 -26.63
N LYS B 79 -2.27 35.71 -26.58
CA LYS B 79 -3.08 35.25 -27.70
C LYS B 79 -4.55 35.52 -27.44
N VAL B 80 -5.19 36.30 -28.31
CA VAL B 80 -6.60 36.67 -28.15
C VAL B 80 -7.40 35.73 -29.04
N LYS B 81 -7.78 34.59 -28.48
CA LYS B 81 -8.71 33.66 -29.12
C LYS B 81 -10.10 33.84 -28.53
N ASP B 82 -11.11 33.46 -29.32
CA ASP B 82 -12.52 33.68 -28.99
C ASP B 82 -12.69 35.19 -28.78
N LYS B 83 -13.04 35.66 -27.58
CA LYS B 83 -13.07 37.08 -27.28
C LYS B 83 -12.38 37.38 -25.96
N LEU B 84 -11.60 36.43 -25.43
CA LEU B 84 -10.94 36.56 -24.15
C LEU B 84 -9.43 36.46 -24.34
N GLN B 85 -8.69 37.17 -23.49
CA GLN B 85 -7.23 37.14 -23.54
C GLN B 85 -6.75 35.84 -22.90
N MET B 86 -6.15 34.97 -23.71
CA MET B 86 -5.60 33.72 -23.24
C MET B 86 -4.11 33.86 -22.96
N ILE B 87 -3.52 32.79 -22.45
CA ILE B 87 -2.08 32.68 -22.25
C ILE B 87 -1.62 31.39 -22.91
N CYS B 88 -0.67 31.50 -23.84
CA CYS B 88 -0.21 30.37 -24.63
C CYS B 88 1.19 29.97 -24.17
N LEU B 89 1.31 28.76 -23.62
CA LEU B 89 2.58 28.24 -23.14
C LEU B 89 3.14 27.23 -24.13
N GLU B 90 4.47 27.20 -24.26
CA GLU B 90 5.14 26.28 -25.16
C GLU B 90 5.26 24.92 -24.49
N MET B 91 4.61 23.91 -25.05
CA MET B 91 4.67 22.55 -24.53
C MET B 91 6.03 21.91 -24.84
N PRO B 92 6.86 21.64 -23.83
CA PRO B 92 8.15 21.01 -24.10
C PRO B 92 7.99 19.52 -24.32
N PRO B 93 9.03 18.84 -24.80
CA PRO B 93 8.94 17.39 -24.94
C PRO B 93 8.72 16.72 -23.58
N ARG B 94 8.12 15.53 -23.62
CA ARG B 94 7.79 14.84 -22.39
C ARG B 94 9.02 14.50 -21.56
N GLU B 95 10.17 14.31 -22.23
CA GLU B 95 11.39 14.01 -21.50
C GLU B 95 11.89 15.20 -20.68
N LYS B 96 11.58 16.41 -21.13
CA LYS B 96 11.95 17.63 -20.41
C LYS B 96 10.94 17.99 -19.33
N MET B 97 9.92 17.17 -19.11
CA MET B 97 8.94 17.37 -18.05
C MET B 97 9.33 16.52 -16.84
N LYS B 98 9.40 17.15 -15.68
CA LYS B 98 9.65 16.42 -14.45
C LYS B 98 8.38 15.72 -13.99
N ARG B 99 8.56 14.55 -13.39
CA ARG B 99 7.44 13.75 -12.89
C ARG B 99 7.48 13.74 -11.37
N ILE B 100 6.60 14.52 -10.75
CA ILE B 100 6.59 14.66 -9.29
C ILE B 100 5.77 13.52 -8.70
N GLN B 101 6.33 12.85 -7.69
CA GLN B 101 5.63 11.82 -6.93
C GLN B 101 6.40 11.55 -5.64
N ARG B 102 6.38 12.53 -4.73
CA ARG B 102 7.19 12.45 -3.51
C ARG B 102 6.41 11.92 -2.31
N ARG B 103 5.44 11.05 -2.57
CA ARG B 103 4.62 10.43 -1.54
C ARG B 103 5.14 9.03 -1.24
N GLN B 104 5.61 8.83 -0.01
CA GLN B 104 6.14 7.53 0.38
C GLN B 104 5.05 6.47 0.51
N TYR B 105 3.80 6.89 0.74
CA TYR B 105 2.71 5.97 1.00
C TYR B 105 1.47 6.44 0.27
N VAL B 106 0.89 5.54 -0.54
CA VAL B 106 -0.32 5.86 -1.29
C VAL B 106 -1.45 6.20 -0.33
N ARG B 107 -2.20 7.24 -0.67
CA ARG B 107 -3.31 7.72 0.14
C ARG B 107 -4.64 7.28 -0.46
N THR B 108 -5.71 7.46 0.33
CA THR B 108 -7.06 7.23 -0.15
C THR B 108 -8.01 8.18 0.56
N ASP B 109 -9.05 8.59 -0.15
CA ASP B 109 -10.06 9.50 0.39
C ASP B 109 -11.11 8.67 1.13
N ALA B 110 -10.86 8.44 2.41
CA ALA B 110 -11.72 7.60 3.23
C ALA B 110 -12.05 8.30 4.55
N VAL B 111 -13.30 8.18 4.97
CA VAL B 111 -13.77 8.74 6.23
C VAL B 111 -13.73 7.63 7.29
N LEU B 112 -12.88 7.79 8.28
CA LEU B 112 -12.70 6.80 9.34
C LEU B 112 -12.79 7.49 10.70
N ASP B 113 -13.43 6.83 11.65
CA ASP B 113 -13.54 7.37 13.00
C ASP B 113 -12.15 7.44 13.64
N VAL B 114 -11.87 8.59 14.27
CA VAL B 114 -10.55 8.86 14.84
C VAL B 114 -10.73 9.40 16.25
N GLN B 115 -9.90 8.90 17.17
CA GLN B 115 -9.83 9.40 18.54
C GLN B 115 -8.49 10.09 18.74
N ILE B 116 -8.53 11.34 19.20
CA ILE B 116 -7.32 12.15 19.42
C ILE B 116 -7.16 12.35 20.92
N GLN B 117 -5.92 12.27 21.40
CA GLN B 117 -5.64 12.43 22.82
C GLN B 117 -4.39 13.25 23.06
N GLU B 121 -5.43 16.36 28.28
CA GLU B 121 -6.03 15.33 27.44
C GLU B 121 -7.55 15.42 27.46
N GLU B 122 -8.10 16.34 26.66
CA GLU B 122 -9.55 16.51 26.60
C GLU B 122 -10.21 15.45 25.74
N GLU B 123 -9.51 14.98 24.70
CA GLU B 123 -9.90 13.83 23.87
C GLU B 123 -11.01 14.17 22.88
N ILE B 124 -10.68 14.16 21.59
CA ILE B 124 -11.59 14.49 20.50
C ILE B 124 -12.03 13.21 19.81
N ARG B 125 -13.23 13.22 19.23
CA ARG B 125 -13.77 12.07 18.49
C ARG B 125 -14.36 12.58 17.17
N THR B 126 -13.49 12.86 16.21
CA THR B 126 -13.87 13.27 14.87
C THR B 126 -13.54 12.16 13.87
N LEU B 127 -13.64 12.48 12.59
CA LEU B 127 -13.33 11.53 11.54
C LEU B 127 -12.54 12.22 10.43
N SER B 128 -11.82 11.43 9.65
CA SER B 128 -10.86 11.93 8.68
C SER B 128 -11.50 12.10 7.31
N TYR B 129 -10.72 12.67 6.37
CA TYR B 129 -11.12 12.75 4.98
C TYR B 129 -10.14 12.11 4.00
N ASN B 130 -8.89 11.86 4.41
CA ASN B 130 -8.02 10.97 3.68
C ASN B 130 -6.98 10.42 4.63
N ILE B 131 -6.42 9.26 4.27
CA ILE B 131 -5.50 8.54 5.14
C ILE B 131 -4.50 7.76 4.30
N SER B 132 -3.35 7.49 4.87
CA SER B 132 -2.33 6.64 4.26
C SER B 132 -1.55 5.93 5.37
N ALA B 133 -0.61 5.09 4.96
CA ALA B 133 0.22 4.36 5.91
C ALA B 133 1.29 5.23 6.55
N GLY B 134 1.38 6.50 6.18
CA GLY B 134 2.36 7.39 6.75
C GLY B 134 1.75 8.59 7.45
N GLY B 135 0.53 8.93 7.09
CA GLY B 135 -0.14 10.06 7.70
C GLY B 135 -1.64 9.98 7.52
N ILE B 136 -2.32 11.04 7.96
CA ILE B 136 -3.77 11.11 7.90
C ILE B 136 -4.18 12.57 8.08
N ALA B 137 -5.19 12.99 7.31
CA ALA B 137 -5.76 14.33 7.42
C ALA B 137 -7.16 14.23 7.99
N VAL B 138 -7.44 15.01 9.03
CA VAL B 138 -8.66 14.89 9.81
C VAL B 138 -9.45 16.19 9.74
N VAL B 139 -10.78 16.05 9.82
CA VAL B 139 -11.66 17.20 9.94
C VAL B 139 -11.74 17.62 11.41
N LEU B 140 -11.66 18.92 11.66
CA LEU B 140 -11.73 19.45 13.01
C LEU B 140 -13.01 20.25 13.20
N ALA B 141 -13.47 20.30 14.44
CA ALA B 141 -14.59 21.17 14.80
C ALA B 141 -14.07 22.59 14.98
N ASP B 142 -14.87 23.46 15.58
CA ASP B 142 -14.50 24.84 15.80
C ASP B 142 -14.01 25.02 17.24
N GLY B 143 -13.18 26.05 17.43
CA GLY B 143 -12.67 26.37 18.75
C GLY B 143 -11.73 25.34 19.32
N LEU B 144 -10.72 24.93 18.54
CA LEU B 144 -9.67 24.03 19.00
C LEU B 144 -8.36 24.50 18.41
N SER B 145 -7.31 24.50 19.24
CA SER B 145 -5.99 24.99 18.83
C SER B 145 -4.95 23.89 18.99
N PHE B 146 -4.06 23.80 18.01
CA PHE B 146 -2.90 22.92 18.07
C PHE B 146 -1.71 23.70 17.52
N GLN B 147 -0.66 22.97 17.12
CA GLN B 147 0.53 23.61 16.59
C GLN B 147 1.29 22.61 15.72
N SER B 148 1.84 23.11 14.61
CA SER B 148 2.68 22.30 13.75
C SER B 148 3.91 21.82 14.51
N GLY B 149 4.00 20.52 14.75
CA GLY B 149 5.07 19.94 15.55
C GLY B 149 4.62 19.30 16.83
N GLU B 150 3.35 19.46 17.20
CA GLU B 150 2.81 18.88 18.41
C GLU B 150 2.55 17.39 18.22
N SER B 151 2.69 16.63 19.31
CA SER B 151 2.46 15.20 19.30
C SER B 151 1.07 14.89 19.88
N LEU B 152 0.41 13.91 19.28
CA LEU B 152 -0.92 13.48 19.72
C LEU B 152 -1.04 11.97 19.58
N ARG B 153 -1.71 11.35 20.53
CA ARG B 153 -2.05 9.93 20.41
C ARG B 153 -3.30 9.79 19.56
N LEU B 154 -3.24 8.91 18.56
CA LEU B 154 -4.28 8.78 17.56
C LEU B 154 -4.77 7.33 17.54
N ILE B 155 -6.09 7.15 17.53
CA ILE B 155 -6.70 5.84 17.37
C ILE B 155 -7.54 5.87 16.10
N ILE B 156 -7.35 4.88 15.24
CA ILE B 156 -7.99 4.84 13.93
C ILE B 156 -8.78 3.53 13.84
N ARG B 157 -10.11 3.64 13.89
CA ARG B 157 -10.99 2.49 13.67
C ARG B 157 -10.92 2.11 12.20
N LEU B 158 -9.89 1.35 11.85
CA LEU B 158 -9.69 0.93 10.47
C LEU B 158 -10.60 -0.24 10.15
N PRO B 159 -11.44 -0.17 9.13
CA PRO B 159 -12.39 -1.26 8.86
C PRO B 159 -11.68 -2.47 8.29
N GLU B 160 -11.94 -3.63 8.88
CA GLU B 160 -11.49 -4.92 8.37
C GLU B 160 -12.72 -5.77 8.14
N GLU B 161 -13.04 -6.03 6.87
CA GLU B 161 -14.28 -6.70 6.46
C GLU B 161 -15.44 -5.85 6.97
N GLU B 162 -16.40 -6.40 7.71
CA GLU B 162 -17.54 -5.63 8.20
C GLU B 162 -17.40 -5.25 9.67
N HIS B 163 -16.18 -5.32 10.21
CA HIS B 163 -15.89 -4.78 11.53
C HIS B 163 -14.70 -3.84 11.43
N THR B 164 -14.16 -3.41 12.55
CA THR B 164 -13.00 -2.53 12.56
C THR B 164 -11.86 -3.15 13.36
N ARG B 165 -10.77 -2.39 13.44
CA ARG B 165 -9.54 -2.85 14.07
C ARG B 165 -8.83 -1.64 14.65
N GLN B 166 -8.58 -1.67 15.96
CA GLN B 166 -8.03 -0.52 16.66
C GLN B 166 -6.55 -0.37 16.34
N ILE B 167 -6.17 0.79 15.81
CA ILE B 167 -4.79 1.08 15.43
C ILE B 167 -4.36 2.31 16.21
N GLU B 168 -3.64 2.10 17.32
CA GLU B 168 -3.07 3.21 18.06
C GLU B 168 -1.75 3.65 17.42
N THR B 169 -1.47 4.94 17.52
CA THR B 169 -0.26 5.50 16.94
C THR B 169 0.02 6.84 17.59
N GLU B 170 1.26 7.30 17.42
CA GLU B 170 1.65 8.64 17.79
C GLU B 170 1.81 9.44 16.51
N ALA B 171 1.01 10.50 16.37
CA ALA B 171 1.03 11.33 15.17
C ALA B 171 1.40 12.75 15.54
N VAL B 172 2.19 13.40 14.67
CA VAL B 172 2.63 14.77 14.88
C VAL B 172 1.98 15.66 13.83
N VAL B 173 1.48 16.82 14.28
CA VAL B 173 0.73 17.72 13.40
C VAL B 173 1.67 18.30 12.35
N ARG B 174 1.18 18.34 11.10
CA ARG B 174 1.94 18.89 9.99
C ARG B 174 1.42 20.23 9.50
N ARG B 175 0.10 20.41 9.43
CA ARG B 175 -0.47 21.68 8.98
C ARG B 175 -1.92 21.77 9.43
N ILE B 176 -2.36 22.99 9.67
CA ILE B 176 -3.75 23.29 10.03
C ILE B 176 -4.22 24.42 9.13
N PHE B 177 -5.31 24.19 8.40
CA PHE B 177 -5.83 25.18 7.47
C PHE B 177 -7.35 25.08 7.42
N ASN B 178 -7.95 26.03 6.71
CA ASN B 178 -9.39 26.06 6.50
C ASN B 178 -9.70 25.72 5.04
N ASP B 179 -10.79 25.01 4.83
CA ASP B 179 -11.22 24.68 3.48
C ASP B 179 -11.47 25.96 2.69
N PRO B 180 -10.93 26.07 1.47
CA PRO B 180 -11.18 27.29 0.66
C PRO B 180 -12.66 27.65 0.52
N LYS B 181 -13.54 26.67 0.32
CA LYS B 181 -14.96 26.94 0.14
C LYS B 181 -15.84 26.45 1.28
N SER B 182 -15.38 25.50 2.09
CA SER B 182 -16.22 24.91 3.12
C SER B 182 -15.97 25.49 4.51
N GLU B 183 -14.86 26.21 4.72
CA GLU B 183 -14.50 26.81 6.01
C GLU B 183 -14.23 25.76 7.06
N LYS B 184 -14.42 24.48 6.73
CA LYS B 184 -14.22 23.41 7.71
C LYS B 184 -12.76 23.35 8.14
N ARG B 185 -12.54 23.33 9.44
CA ARG B 185 -11.19 23.21 9.97
C ARG B 185 -10.66 21.81 9.67
N LYS B 186 -9.53 21.75 8.97
CA LYS B 186 -8.91 20.49 8.59
C LYS B 186 -7.49 20.44 9.13
N MET B 187 -7.14 19.32 9.77
CA MET B 187 -5.82 19.14 10.35
C MET B 187 -5.11 17.97 9.68
N THR B 188 -3.79 17.98 9.74
CA THR B 188 -2.96 17.02 9.02
C THR B 188 -1.87 16.52 9.94
N LEU B 189 -1.63 15.21 9.93
CA LEU B 189 -0.70 14.59 10.86
C LEU B 189 0.19 13.59 10.14
N GLU B 190 1.34 13.32 10.75
CA GLU B 190 2.30 12.34 10.28
C GLU B 190 2.62 11.37 11.42
N TYR B 191 2.72 10.08 11.09
CA TYR B 191 2.87 9.07 12.13
C TYR B 191 4.27 9.11 12.71
N SER B 192 4.37 9.22 14.03
CA SER B 192 5.66 9.17 14.74
C SER B 192 6.05 7.73 15.00
N GLU B 193 5.37 7.07 15.94
CA GLU B 193 5.59 5.67 16.27
C GLU B 193 4.31 4.91 16.00
N ILE B 194 4.38 3.91 15.13
CA ILE B 194 3.24 3.05 14.82
C ILE B 194 3.73 1.61 14.76
N ALA B 195 2.91 0.69 15.27
CA ALA B 195 3.23 -0.73 15.18
C ALA B 195 3.39 -1.15 13.72
N ALA B 196 4.42 -1.95 13.45
CA ALA B 196 4.71 -2.35 12.09
C ALA B 196 3.60 -3.22 11.50
N GLY B 197 2.91 -3.98 12.35
CA GLY B 197 1.81 -4.80 11.92
C GLY B 197 0.57 -3.98 11.62
N ASP B 198 0.25 -3.03 12.51
CA ASP B 198 -0.87 -2.14 12.27
C ASP B 198 -0.64 -1.29 11.02
N GLN B 199 0.61 -0.92 10.75
CA GLN B 199 0.90 -0.11 9.58
C GLN B 199 0.74 -0.92 8.30
N GLN B 200 1.15 -2.19 8.32
CA GLN B 200 1.03 -3.03 7.13
C GLN B 200 -0.43 -3.30 6.79
N ALA B 201 -1.23 -3.65 7.80
CA ALA B 201 -2.67 -3.80 7.58
C ALA B 201 -3.33 -2.48 7.19
N LEU B 202 -2.71 -1.35 7.56
CA LEU B 202 -3.22 -0.05 7.15
C LEU B 202 -2.85 0.26 5.70
N LEU B 203 -1.58 0.04 5.33
CA LEU B 203 -1.16 0.21 3.95
C LEU B 203 -1.97 -0.69 3.02
N GLN B 204 -2.22 -1.92 3.45
CA GLN B 204 -3.02 -2.84 2.64
C GLN B 204 -4.43 -2.31 2.42
N TYR B 205 -4.97 -1.58 3.41
CA TYR B 205 -6.30 -1.01 3.26
C TYR B 205 -6.34 0.05 2.16
N CYS B 206 -5.36 0.97 2.18
CA CYS B 206 -5.36 2.06 1.21
C CYS B 206 -5.17 1.56 -0.22
N ILE B 207 -4.24 0.63 -0.41
CA ILE B 207 -3.99 0.12 -1.76
C ILE B 207 -5.20 -0.64 -2.28
N ARG B 208 -5.74 -1.56 -1.46
CA ARG B 208 -6.91 -2.32 -1.88
C ARG B 208 -8.15 -1.44 -2.06
N ARG B 209 -8.19 -0.28 -1.39
CA ARG B 209 -9.34 0.60 -1.50
C ARG B 209 -9.29 1.43 -2.77
N GLN B 210 -8.10 1.86 -3.18
CA GLN B 210 -7.97 2.67 -4.39
C GLN B 210 -8.25 1.84 -5.65
N LEU B 211 -7.84 0.58 -5.65
CA LEU B 211 -8.09 -0.28 -6.81
C LEU B 211 -9.57 -0.61 -6.99
N ASN B 212 -10.39 -0.38 -5.98
CA ASN B 212 -11.81 -0.68 -6.08
C ASN B 212 -12.55 0.30 -6.97
N LYS B 213 -11.89 1.36 -7.43
CA LYS B 213 -12.49 2.36 -8.33
C LYS B 213 -12.31 1.98 -9.79
N ARG B 214 -12.50 0.71 -10.13
CA ARG B 214 -12.35 0.25 -11.51
C ARG B 214 -13.11 -1.06 -11.73
P1 C2E C . 7.84 -25.04 4.84
O2P C2E C . 6.38 -24.63 4.83
O1P C2E C . 8.22 -26.44 4.42
O5' C2E C . 8.63 -23.99 3.94
C5' C2E C . 7.97 -22.76 3.73
C4' C2E C . 8.83 -21.70 3.06
O4' C2E C . 8.44 -21.63 1.69
C3' C2E C . 8.42 -20.37 3.69
O3' C2E C . 9.47 -19.85 4.50
C2' C2E C . 8.08 -19.46 2.54
O2' C2E C . 9.20 -18.63 2.21
C1' C2E C . 7.76 -20.41 1.40
N9 C2E C . 6.30 -20.68 1.45
C8 C2E C . 5.70 -21.85 1.74
N7 C2E C . 4.35 -21.75 1.71
C5 C2E C . 4.05 -20.49 1.38
C6 C2E C . 2.81 -19.72 1.16
O6 C2E C . 1.70 -20.26 1.30
N1 C2E C . 2.93 -18.43 0.83
C2 C2E C . 4.13 -17.82 0.69
N2 C2E C . 4.15 -16.50 0.35
N3 C2E C . 5.30 -18.47 0.86
C4 C2E C . 5.34 -19.77 1.21
P11 C2E C . 9.13 -19.46 6.02
O21 C2E C . 7.94 -18.52 5.99
O11 C2E C . 10.39 -19.06 6.73
O5A C2E C . 8.63 -20.89 6.61
C5A C2E C . 9.54 -21.71 7.34
C4A C2E C . 8.86 -22.92 7.97
O4A C2E C . 8.09 -22.49 9.10
C3A C2E C . 7.89 -23.65 7.06
O3A C2E C . 8.44 -24.73 6.31
C2A C2E C . 6.87 -24.21 8.02
O2A C2E C . 7.32 -25.50 8.46
C1A C2E C . 6.86 -23.23 9.17
N91 C2E C . 5.72 -22.33 8.96
C81 C2E C . 5.77 -21.03 8.59
N71 C2E C . 4.52 -20.51 8.48
C51 C2E C . 3.64 -21.48 8.76
C61 C2E C . 2.18 -21.61 8.82
O61 C2E C . 1.43 -20.64 8.57
N11 C2E C . 1.66 -22.80 9.15
C21 C2E C . 2.43 -23.88 9.44
N21 C2E C . 1.85 -25.05 9.76
N31 C2E C . 3.78 -23.81 9.39
C41 C2E C . 4.44 -22.68 9.07
P1 C2E D . -3.23 -20.63 3.22
O2P C2E D . -2.40 -21.86 3.47
O1P C2E D . -4.44 -20.35 4.08
O5' C2E D . -2.26 -19.35 3.29
C5' C2E D . -2.86 -18.06 3.39
C4' C2E D . -1.79 -16.97 3.44
O4' C2E D . -1.03 -17.14 4.63
C3' C2E D . -0.79 -17.03 2.30
O3' C2E D . -1.17 -16.23 1.19
C2' C2E D . 0.45 -16.45 2.92
O2' C2E D . 0.44 -15.03 2.78
C1' C2E D . 0.34 -16.82 4.38
N9 C2E D . 1.19 -18.02 4.55
C8 C2E D . 0.77 -19.30 4.66
N7 C2E D . 1.82 -20.14 4.80
C5 C2E D . 2.94 -19.40 4.77
C6 C2E D . 4.40 -19.66 4.86
O6 C2E D . 4.84 -20.81 5.00
N1 C2E D . 5.23 -18.60 4.78
C2 C2E D . 4.78 -17.34 4.63
N2 C2E D . 5.68 -16.32 4.56
N3 C2E D . 3.46 -17.04 4.54
C4 C2E D . 2.52 -18.01 4.61
P11 C2E D . -0.73 -16.69 -0.29
O21 C2E D . 0.77 -16.78 -0.33
O11 C2E D . -1.47 -15.84 -1.30
O5A C2E D . -1.33 -18.18 -0.34
C5A C2E D . -2.70 -18.37 -0.68
C4A C2E D . -3.09 -19.84 -0.60
O4A C2E D . -2.45 -20.55 -1.67
C3A C2E D . -2.64 -20.54 0.67
O3A C2E D . -3.65 -20.59 1.67
C2A C2E D . -2.31 -21.94 0.24
O2A C2E D . -3.46 -22.77 0.42
C1A C2E D . -2.00 -21.83 -1.24
N91 C2E D . -0.53 -21.93 -1.41
C81 C2E D . 0.30 -20.93 -1.73
N71 C2E D . 1.59 -21.35 -1.81
C51 C2E D . 1.59 -22.67 -1.54
C61 C2E D . 2.61 -23.75 -1.44
O61 C2E D . 3.81 -23.50 -1.66
N11 C2E D . 2.19 -24.98 -1.13
C21 C2E D . 0.89 -25.27 -0.90
N21 C2E D . 0.55 -26.54 -0.59
N31 C2E D . -0.09 -24.33 -0.96
C41 C2E D . 0.19 -23.05 -1.27
P1 C2E E . 4.21 11.69 2.23
O2P C2E E . 2.73 11.68 1.90
O1P C2E E . 5.06 10.50 1.85
O5' C2E E . 4.84 13.03 1.59
C5' C2E E . 6.16 13.44 1.92
C4' C2E E . 6.35 14.92 1.63
O4' C2E E . 6.04 15.17 0.26
C3' C2E E . 5.40 15.82 2.42
O3' C2E E . 6.07 16.54 3.45
C2' C2E E . 4.87 16.84 1.46
O2' C2E E . 5.41 18.14 1.75
C1' C2E E . 5.31 16.38 0.09
N9 C2E E . 4.03 16.11 -0.59
C8 C2E E . 3.40 14.93 -0.63
N7 C2E E . 2.23 15.04 -1.31
C5 C2E E . 2.11 16.31 -1.71
C6 C2E E . 1.13 17.12 -2.48
O6 C2E E . 0.09 16.58 -2.92
N1 C2E E . 1.39 18.42 -2.67
C2 C2E E . 2.50 19.02 -2.20
N2 C2E E . 2.68 20.34 -2.45
N3 C2E E . 3.44 18.35 -1.50
C4 C2E E . 3.30 17.03 -1.22
P11 C2E E . 5.20 17.05 4.70
O21 C2E E . 4.23 18.11 4.23
O11 C2E E . 6.12 17.36 5.85
O5A C2E E . 4.39 15.69 5.02
C5A C2E E . 5.05 14.63 5.69
C4A C2E E . 4.12 13.44 5.78
O4A C2E E . 2.98 13.81 6.56
C3A C2E E . 3.56 12.94 4.46
O3A C2E E . 4.38 11.97 3.81
C2A C2E E . 2.30 12.24 4.93
O2A C2E E . 2.65 10.95 5.42
C1A C2E E . 1.83 13.10 6.08
N91 C2E E . 0.85 14.05 5.50
C81 C2E E . 1.04 15.36 5.28
N71 C2E E . -0.07 15.91 4.72
C51 C2E E . -0.99 14.94 4.58
C61 C2E E . -2.37 14.83 4.06
O61 C2E E . -2.97 15.83 3.62
N11 C2E E . -2.97 13.62 4.09
C21 C2E E . -2.35 12.52 4.56
N21 C2E E . -3.01 11.34 4.56
N31 C2E E . -1.09 12.56 5.05
C41 C2E E . -0.37 13.71 5.09
P1 C2E F . -4.82 16.60 -3.43
O2P C2E F . -4.25 15.26 -2.99
O1P C2E F . -6.26 16.92 -3.17
O5' C2E F . -3.91 17.76 -2.77
C5' C2E F . -4.60 18.75 -2.02
C4' C2E F . -3.80 20.05 -1.87
O4' C2E F . -3.51 20.17 -0.47
C3' C2E F . -2.45 20.07 -2.60
O3' C2E F . -2.44 20.83 -3.80
C2' C2E F . -1.57 20.81 -1.61
O2' C2E F . -1.70 22.21 -1.83
C1' C2E F . -2.12 20.42 -0.26
N9 C2E F . -1.42 19.17 0.12
C8 C2E F . -1.79 17.92 -0.24
N7 C2E F . -0.94 16.98 0.25
C5 C2E F . 0.00 17.64 0.95
C6 C2E F . 1.19 17.25 1.73
O6 C2E F . 1.50 16.04 1.84
N1 C2E F . 1.91 18.22 2.30
C2 C2E F . 1.58 19.52 2.19
N2 C2E F . 2.37 20.44 2.81
N3 C2E F . 0.50 19.95 1.49
C4 C2E F . -0.32 19.08 0.87
P11 C2E F . -1.26 20.66 -4.87
O21 C2E F . 0.09 20.68 -4.19
O11 C2E F . -1.51 21.61 -6.02
O5A C2E F . -1.55 19.17 -5.41
C5A C2E F . -2.44 19.05 -6.52
C4A C2E F . -2.94 17.62 -6.71
O4A C2E F . -1.98 16.91 -7.48
C3A C2E F . -3.15 16.83 -5.42
O3A C2E F . -4.50 16.80 -4.99
C2A C2E F . -2.72 15.43 -5.78
O2A C2E F . -3.87 14.69 -6.23
C1A C2E F . -1.75 15.61 -6.92
N91 C2E F . -0.41 15.57 -6.31
C81 C2E F . 0.30 16.62 -5.88
N71 C2E F . 1.49 16.21 -5.35
C51 C2E F . 1.53 14.87 -5.45
C61 C2E F . 2.49 13.80 -5.10
O61 C2E F . 3.59 14.08 -4.56
N11 C2E F . 2.14 12.53 -5.37
C21 C2E F . 0.97 12.20 -5.95
N21 C2E F . 0.70 10.90 -6.19
N31 C2E F . 0.05 13.14 -6.30
C41 C2E F . 0.27 14.45 -6.08
#